data_3HR8
#
_entry.id   3HR8
#
_cell.length_a   102.137
_cell.length_b   102.137
_cell.length_c   81.512
_cell.angle_alpha   90.000
_cell.angle_beta   90.000
_cell.angle_gamma   120.000
#
_symmetry.space_group_name_H-M   'P 61'
#
loop_
_entity.id
_entity.type
_entity.pdbx_description
1 polymer 'Protein recA'
2 water water
#
_entity_poly.entity_id   1
_entity_poly.type   'polypeptide(L)'
_entity_poly.pdbx_seq_one_letter_code
;MPEEKQKKSVLEKALKRIEENFGKGSIMILGDETQVQPVEVIPTGSLAIDIATGVGGYPRGRIVEIFGQESSGKTTLALH
AIAEAQKMGGVAAFIDAEHALDPVYAKNLGVDLKSLLISQPDHGEQALEIVDELVRSGVVDLIVVDSVAALVPRAEIEGA
MGDMQVGLQARLMSQALRKIAGSVNKSKAVVIFTNQIRMKIGVMFGSPETTTGGLALKFYATMRMEVRRGEPIKEGKDVI
GNVISVKIVKNKVAPPFKTAQTYIIYGKGIDREYELFNIAVNEGIVDRKGSWYYYTTLKGEEVSLGQGSSNAVQFLKDNP
EIAGEIERRIREKYGLLSVEKEEQRKEKKSSGEEAS
;
_entity_poly.pdbx_strand_id   A
#
# COMPACT_ATOMS: atom_id res chain seq x y z
N GLU A 4 -28.40 27.89 -1.98
CA GLU A 4 -27.31 27.06 -2.50
C GLU A 4 -26.52 26.37 -1.38
N LYS A 5 -25.87 27.17 -0.54
CA LYS A 5 -25.10 26.64 0.60
C LYS A 5 -26.01 26.01 1.65
N GLN A 6 -27.16 26.61 1.87
CA GLN A 6 -28.15 26.03 2.79
C GLN A 6 -28.48 24.61 2.34
N LYS A 7 -28.53 24.42 1.02
CA LYS A 7 -28.75 23.11 0.41
C LYS A 7 -27.64 22.14 0.83
N LYS A 8 -26.41 22.65 0.86
CA LYS A 8 -25.26 21.82 1.20
C LYS A 8 -25.09 21.60 2.70
N SER A 9 -25.34 22.63 3.51
CA SER A 9 -25.24 22.45 4.94
C SER A 9 -26.29 21.49 5.47
N VAL A 10 -27.48 21.52 4.89
CA VAL A 10 -28.47 20.50 5.21
C VAL A 10 -27.95 19.16 4.70
N LEU A 11 -27.31 19.21 3.52
CA LEU A 11 -26.74 18.02 2.90
C LEU A 11 -25.64 17.48 3.79
N GLU A 12 -24.59 18.28 3.96
CA GLU A 12 -23.46 17.90 4.78
C GLU A 12 -23.88 17.44 6.18
N LYS A 13 -24.85 18.13 6.76
CA LYS A 13 -25.32 17.79 8.10
C LYS A 13 -25.94 16.41 8.10
N ALA A 14 -26.68 16.10 7.04
CA ALA A 14 -27.33 14.80 6.92
C ALA A 14 -26.27 13.74 6.67
N LEU A 15 -25.30 14.07 5.83
CA LEU A 15 -24.19 13.16 5.61
C LEU A 15 -23.52 12.85 6.93
N LYS A 16 -23.22 13.90 7.69
CA LYS A 16 -22.60 13.71 9.00
C LYS A 16 -23.41 12.77 9.85
N ARG A 17 -24.71 13.03 9.94
CA ARG A 17 -25.60 12.20 10.76
C ARG A 17 -25.48 10.74 10.43
N ILE A 18 -25.53 10.43 9.14
CA ILE A 18 -25.46 9.05 8.72
C ILE A 18 -24.10 8.53 9.07
N GLU A 19 -23.09 9.33 8.77
CA GLU A 19 -21.73 8.87 8.98
C GLU A 19 -21.50 8.57 10.45
N GLU A 20 -21.96 9.47 11.30
CA GLU A 20 -21.78 9.27 12.72
C GLU A 20 -22.65 8.12 13.23
N ASN A 21 -23.71 7.80 12.49
CA ASN A 21 -24.56 6.66 12.84
C ASN A 21 -23.91 5.31 12.54
N PHE A 22 -23.17 5.22 11.44
CA PHE A 22 -22.68 3.92 10.98
C PHE A 22 -21.17 3.74 11.06
N GLY A 23 -20.46 4.81 11.38
CA GLY A 23 -19.03 4.74 11.58
C GLY A 23 -18.36 5.68 10.61
N LYS A 24 -17.18 6.19 10.97
CA LYS A 24 -16.48 7.10 10.09
C LYS A 24 -16.31 6.49 8.71
N GLY A 25 -16.44 7.30 7.66
CA GLY A 25 -16.24 6.85 6.30
C GLY A 25 -17.38 6.06 5.69
N SER A 26 -18.46 5.87 6.45
CA SER A 26 -19.67 5.15 6.04
C SER A 26 -20.32 5.71 4.78
N ILE A 27 -20.19 7.00 4.60
CA ILE A 27 -20.67 7.66 3.40
C ILE A 27 -19.82 8.88 3.19
N MET A 28 -19.58 9.25 1.94
CA MET A 28 -18.69 10.35 1.62
C MET A 28 -19.17 10.99 0.35
N ILE A 29 -18.67 12.18 0.10
CA ILE A 29 -18.82 12.80 -1.20
C ILE A 29 -17.55 12.45 -1.97
N LEU A 30 -17.71 11.87 -3.15
CA LEU A 30 -16.58 11.29 -3.85
C LEU A 30 -15.53 12.35 -4.17
N GLY A 31 -15.96 13.59 -4.35
CA GLY A 31 -15.05 14.71 -4.61
C GLY A 31 -14.47 15.40 -3.39
N ASP A 32 -14.84 14.93 -2.20
CA ASP A 32 -14.36 15.57 -0.97
C ASP A 32 -12.94 15.23 -0.53
N GLU A 33 -11.95 15.76 -1.22
CA GLU A 33 -10.61 15.73 -0.69
C GLU A 33 -10.60 16.98 0.19
N THR A 34 -11.42 16.99 1.21
CA THR A 34 -11.49 18.07 2.19
C THR A 34 -11.41 17.47 3.58
N GLN A 35 -10.19 17.38 4.13
CA GLN A 35 -8.99 17.89 3.46
C GLN A 35 -8.17 16.87 2.66
N VAL A 36 -8.28 15.58 2.98
CA VAL A 36 -9.11 15.07 4.07
C VAL A 36 -8.32 15.17 5.37
N GLN A 37 -8.91 14.67 6.46
CA GLN A 37 -8.23 14.73 7.76
C GLN A 37 -7.24 13.59 7.96
N PRO A 38 -5.99 13.94 8.24
CA PRO A 38 -4.93 12.97 8.54
C PRO A 38 -5.32 12.03 9.67
N VAL A 39 -4.89 10.77 9.55
CA VAL A 39 -4.98 9.77 10.61
C VAL A 39 -3.58 9.20 10.68
N GLU A 40 -3.28 8.36 11.67
CA GLU A 40 -1.93 7.83 11.73
C GLU A 40 -1.78 6.80 10.61
N VAL A 41 -0.74 6.97 9.80
CA VAL A 41 -0.46 6.02 8.72
C VAL A 41 1.00 5.55 8.67
N ILE A 42 1.23 4.41 8.02
CA ILE A 42 2.55 4.06 7.53
C ILE A 42 2.58 4.30 6.03
N PRO A 43 3.48 5.15 5.57
CA PRO A 43 3.60 5.50 4.16
C PRO A 43 3.72 4.20 3.34
N THR A 44 3.36 4.26 2.06
CA THR A 44 3.35 3.06 1.23
C THR A 44 4.71 2.83 0.57
N GLY A 45 5.54 3.88 0.54
CA GLY A 45 6.80 3.83 -0.18
C GLY A 45 6.66 4.41 -1.57
N SER A 46 5.43 4.77 -1.91
CA SER A 46 5.17 5.45 -3.15
C SER A 46 4.46 6.78 -2.84
N LEU A 47 4.99 7.87 -3.34
CA LEU A 47 4.32 9.18 -3.19
C LEU A 47 2.98 9.23 -3.96
N ALA A 48 2.97 8.66 -5.16
CA ALA A 48 1.72 8.57 -5.93
C ALA A 48 0.64 7.77 -5.19
N ILE A 49 0.99 6.61 -4.64
CA ILE A 49 0.01 5.83 -3.88
C ILE A 49 -0.41 6.58 -2.60
N ASP A 50 0.55 7.18 -1.91
CA ASP A 50 0.23 7.94 -0.71
C ASP A 50 -0.87 8.97 -1.02
N ILE A 51 -0.73 9.62 -2.17
CA ILE A 51 -1.70 10.63 -2.59
C ILE A 51 -3.05 10.00 -2.86
N ALA A 52 -3.05 8.90 -3.60
CA ALA A 52 -4.31 8.19 -3.92
C ALA A 52 -5.08 7.69 -2.70
N THR A 53 -4.39 7.30 -1.63
CA THR A 53 -5.05 6.84 -0.40
C THR A 53 -5.77 7.99 0.28
N GLY A 54 -5.41 9.20 -0.08
CA GLY A 54 -6.02 10.35 0.55
C GLY A 54 -5.45 10.66 1.94
N VAL A 55 -4.92 9.67 2.65
CA VAL A 55 -4.39 9.90 4.01
C VAL A 55 -2.87 9.81 4.07
N GLY A 56 -2.22 9.61 2.93
CA GLY A 56 -0.77 9.55 2.86
C GLY A 56 -0.13 8.22 3.27
N GLY A 57 -0.90 7.13 3.23
CA GLY A 57 -0.36 5.83 3.58
C GLY A 57 -1.39 4.80 4.00
N TYR A 58 -0.93 3.68 4.54
CA TYR A 58 -1.81 2.68 5.16
C TYR A 58 -2.18 3.11 6.59
N PRO A 59 -3.48 3.15 6.91
CA PRO A 59 -3.94 3.62 8.24
C PRO A 59 -3.72 2.59 9.33
N ARG A 60 -3.11 3.01 10.44
CA ARG A 60 -2.92 2.14 11.59
C ARG A 60 -4.25 1.65 12.12
N GLY A 61 -4.24 0.44 12.66
CA GLY A 61 -5.41 -0.15 13.27
C GLY A 61 -6.41 -0.68 12.25
N ARG A 62 -5.93 -0.94 11.03
CA ARG A 62 -6.83 -1.36 9.94
C ARG A 62 -6.22 -2.46 9.08
N ILE A 63 -7.12 -3.16 8.36
CA ILE A 63 -6.75 -4.20 7.41
C ILE A 63 -6.77 -3.62 5.98
N VAL A 64 -5.81 -4.04 5.17
CA VAL A 64 -5.69 -3.55 3.81
C VAL A 64 -5.54 -4.81 2.96
N GLU A 65 -6.17 -4.83 1.79
CA GLU A 65 -5.94 -5.88 0.80
C GLU A 65 -5.25 -5.28 -0.42
N ILE A 66 -4.21 -5.97 -0.91
CA ILE A 66 -3.55 -5.60 -2.14
C ILE A 66 -3.70 -6.81 -3.03
N PHE A 67 -4.32 -6.65 -4.20
CA PHE A 67 -4.53 -7.81 -5.08
C PHE A 67 -4.17 -7.49 -6.51
N GLY A 68 -3.98 -8.54 -7.32
CA GLY A 68 -3.60 -8.39 -8.71
C GLY A 68 -3.01 -9.69 -9.22
N GLN A 69 -2.64 -9.71 -10.49
CA GLN A 69 -2.05 -10.93 -11.06
C GLN A 69 -0.66 -11.22 -10.51
N GLU A 70 -0.20 -12.46 -10.68
CA GLU A 70 1.19 -12.79 -10.38
C GLU A 70 2.00 -11.78 -11.18
N SER A 71 3.06 -11.26 -10.58
CA SER A 71 3.94 -10.37 -11.32
C SER A 71 3.33 -9.00 -11.69
N SER A 72 2.22 -8.64 -11.06
CA SER A 72 1.61 -7.32 -11.31
C SER A 72 2.45 -6.21 -10.67
N GLY A 73 3.16 -6.55 -9.60
CA GLY A 73 3.85 -5.58 -8.76
C GLY A 73 3.37 -5.57 -7.30
N LYS A 74 2.31 -6.30 -7.00
CA LYS A 74 1.84 -6.41 -5.62
C LYS A 74 2.92 -6.91 -4.68
N THR A 75 3.80 -7.79 -5.15
CA THR A 75 4.90 -8.22 -4.27
C THR A 75 5.82 -7.04 -3.86
N THR A 76 6.19 -6.24 -4.85
CA THR A 76 6.99 -5.04 -4.64
C THR A 76 6.28 -4.06 -3.67
N LEU A 77 4.97 -3.88 -3.84
CA LEU A 77 4.25 -3.01 -2.88
C LEU A 77 4.36 -3.49 -1.47
N ALA A 78 4.18 -4.81 -1.28
CA ALA A 78 4.22 -5.38 0.06
C ALA A 78 5.62 -5.21 0.65
N LEU A 79 6.64 -5.39 -0.18
CA LEU A 79 8.00 -5.21 0.35
C LEU A 79 8.23 -3.75 0.76
N HIS A 80 7.71 -2.79 -0.01
CA HIS A 80 7.84 -1.38 0.39
C HIS A 80 7.13 -1.09 1.69
N ALA A 81 5.99 -1.75 1.91
CA ALA A 81 5.21 -1.51 3.14
C ALA A 81 6.04 -1.92 4.34
N ILE A 82 6.65 -3.09 4.23
CA ILE A 82 7.61 -3.56 5.21
C ILE A 82 8.73 -2.54 5.42
N ALA A 83 9.38 -2.11 4.35
CA ALA A 83 10.50 -1.20 4.45
C ALA A 83 10.11 0.12 5.13
N GLU A 84 8.93 0.62 4.81
CA GLU A 84 8.48 1.89 5.39
C GLU A 84 8.21 1.75 6.87
N ALA A 85 7.61 0.62 7.26
CA ALA A 85 7.32 0.38 8.65
C ALA A 85 8.63 0.32 9.45
N GLN A 86 9.66 -0.28 8.85
CA GLN A 86 10.94 -0.39 9.55
C GLN A 86 11.63 0.97 9.63
N LYS A 87 11.58 1.69 8.52
CA LYS A 87 12.21 2.99 8.38
C LYS A 87 11.75 3.98 9.43
N MET A 88 10.44 3.96 9.74
CA MET A 88 9.90 4.82 10.78
C MET A 88 10.38 4.43 12.15
N GLY A 89 11.10 3.31 12.23
CA GLY A 89 11.53 2.79 13.53
C GLY A 89 10.62 1.71 14.08
N GLY A 90 9.76 1.16 13.24
CA GLY A 90 8.84 0.13 13.69
C GLY A 90 9.32 -1.28 13.44
N VAL A 91 8.47 -2.24 13.78
CA VAL A 91 8.77 -3.66 13.59
C VAL A 91 7.78 -4.24 12.57
N ALA A 92 8.29 -5.01 11.60
CA ALA A 92 7.45 -5.62 10.57
C ALA A 92 7.52 -7.18 10.61
N ALA A 93 6.42 -7.83 10.24
CA ALA A 93 6.36 -9.29 10.14
C ALA A 93 5.87 -9.72 8.75
N PHE A 94 6.42 -10.82 8.26
CA PHE A 94 6.03 -11.35 6.95
C PHE A 94 5.54 -12.77 7.18
N ILE A 95 4.26 -13.00 6.93
CA ILE A 95 3.65 -14.32 7.10
C ILE A 95 3.61 -14.93 5.72
N ASP A 96 4.45 -15.93 5.50
CA ASP A 96 4.77 -16.36 4.15
C ASP A 96 4.21 -17.75 3.87
N ALA A 97 3.25 -17.81 2.94
CA ALA A 97 2.77 -19.09 2.46
C ALA A 97 3.16 -19.35 1.01
N GLU A 98 4.01 -18.49 0.44
CA GLU A 98 4.49 -18.69 -0.93
C GLU A 98 5.91 -19.26 -1.00
N HIS A 99 6.73 -18.97 0.03
CA HIS A 99 8.12 -19.43 0.03
C HIS A 99 8.86 -18.88 -1.20
N ALA A 100 8.66 -17.62 -1.54
CA ALA A 100 9.23 -17.08 -2.79
C ALA A 100 10.07 -15.82 -2.63
N LEU A 101 10.26 -15.36 -1.40
CA LEU A 101 11.02 -14.12 -1.14
C LEU A 101 12.40 -14.10 -1.81
N ASP A 102 12.73 -12.97 -2.43
CA ASP A 102 14.03 -12.70 -3.02
C ASP A 102 14.77 -11.76 -2.06
N PRO A 103 15.60 -12.33 -1.17
CA PRO A 103 16.21 -11.48 -0.12
C PRO A 103 17.08 -10.37 -0.71
N VAL A 104 17.65 -10.63 -1.87
CA VAL A 104 18.55 -9.65 -2.47
C VAL A 104 17.77 -8.46 -3.00
N TYR A 105 16.66 -8.71 -3.69
CA TYR A 105 15.77 -7.62 -4.14
C TYR A 105 15.19 -6.87 -2.94
N ALA A 106 14.72 -7.61 -1.94
CA ALA A 106 14.12 -6.99 -0.78
C ALA A 106 15.11 -6.01 -0.11
N LYS A 107 16.35 -6.45 0.04
CA LYS A 107 17.35 -5.61 0.67
C LYS A 107 17.63 -4.37 -0.17
N ASN A 108 17.73 -4.52 -1.48
CA ASN A 108 18.08 -3.35 -2.29
C ASN A 108 16.93 -2.35 -2.36
N LEU A 109 15.72 -2.86 -2.24
CA LEU A 109 14.52 -2.05 -2.24
C LEU A 109 14.42 -1.25 -0.95
N GLY A 110 14.98 -1.80 0.13
CA GLY A 110 15.10 -1.09 1.39
C GLY A 110 14.64 -1.83 2.64
N VAL A 111 14.31 -3.11 2.50
CA VAL A 111 13.90 -3.89 3.65
C VAL A 111 15.13 -4.20 4.53
N ASP A 112 14.97 -4.10 5.83
CA ASP A 112 16.02 -4.49 6.75
C ASP A 112 15.81 -5.98 7.04
N LEU A 113 16.54 -6.84 6.34
CA LEU A 113 16.30 -8.28 6.48
C LEU A 113 16.58 -8.78 7.89
N LYS A 114 17.57 -8.19 8.56
CA LYS A 114 17.96 -8.66 9.89
C LYS A 114 16.83 -8.60 10.90
N SER A 115 16.02 -7.55 10.82
CA SER A 115 14.97 -7.27 11.82
C SER A 115 13.60 -7.80 11.43
N LEU A 116 13.46 -8.26 10.19
CA LEU A 116 12.17 -8.75 9.69
C LEU A 116 11.73 -10.00 10.44
N LEU A 117 10.52 -10.00 10.98
CA LEU A 117 9.99 -11.23 11.56
C LEU A 117 9.40 -12.06 10.42
N ILE A 118 9.59 -13.37 10.48
CA ILE A 118 9.12 -14.23 9.40
C ILE A 118 8.40 -15.41 10.02
N SER A 119 7.30 -15.81 9.42
CA SER A 119 6.61 -17.03 9.81
C SER A 119 6.22 -17.74 8.52
N GLN A 120 6.39 -19.06 8.48
CA GLN A 120 6.00 -19.84 7.31
C GLN A 120 5.06 -20.93 7.81
N PRO A 121 3.78 -20.59 7.98
CA PRO A 121 2.85 -21.46 8.73
C PRO A 121 2.47 -22.74 7.99
N ASP A 122 2.02 -23.74 8.76
CA ASP A 122 1.63 -25.07 8.26
C ASP A 122 0.28 -25.04 7.53
N HIS A 123 -0.59 -24.10 7.88
CA HIS A 123 -1.93 -24.06 7.33
C HIS A 123 -2.65 -22.76 7.65
N GLY A 124 -3.77 -22.52 6.97
CA GLY A 124 -4.47 -21.25 7.04
C GLY A 124 -4.91 -20.83 8.43
N GLU A 125 -5.52 -21.74 9.17
CA GLU A 125 -5.99 -21.38 10.49
C GLU A 125 -4.83 -20.94 11.38
N GLN A 126 -3.73 -21.69 11.34
CA GLN A 126 -2.55 -21.36 12.13
C GLN A 126 -2.02 -19.99 11.72
N ALA A 127 -1.92 -19.76 10.42
CA ALA A 127 -1.44 -18.49 9.92
C ALA A 127 -2.25 -17.33 10.51
N LEU A 128 -3.57 -17.47 10.52
CA LEU A 128 -4.43 -16.36 10.94
C LEU A 128 -4.41 -16.19 12.46
N GLU A 129 -4.22 -17.28 13.19
CA GLU A 129 -4.04 -17.20 14.64
C GLU A 129 -2.69 -16.53 14.97
N ILE A 130 -1.65 -16.87 14.22
CA ILE A 130 -0.37 -16.19 14.44
C ILE A 130 -0.54 -14.69 14.19
N VAL A 131 -1.22 -14.33 13.12
CA VAL A 131 -1.46 -12.91 12.85
C VAL A 131 -2.19 -12.24 14.03
N ASP A 132 -3.24 -12.89 14.54
CA ASP A 132 -3.99 -12.28 15.63
C ASP A 132 -3.12 -12.07 16.86
N GLU A 133 -2.29 -13.06 17.21
CA GLU A 133 -1.42 -12.91 18.38
C GLU A 133 -0.40 -11.80 18.19
N LEU A 134 0.11 -11.63 16.97
CA LEU A 134 1.09 -10.60 16.69
C LEU A 134 0.47 -9.22 16.85
N VAL A 135 -0.73 -9.06 16.31
CA VAL A 135 -1.46 -7.81 16.48
C VAL A 135 -1.66 -7.57 17.99
N ARG A 136 -2.16 -8.57 18.69
CA ARG A 136 -2.50 -8.45 20.12
C ARG A 136 -1.31 -8.15 21.01
N SER A 137 -0.10 -8.47 20.54
CA SER A 137 1.09 -8.33 21.35
C SER A 137 1.48 -6.89 21.58
N GLY A 138 1.02 -6.02 20.70
CA GLY A 138 1.32 -4.59 20.80
C GLY A 138 2.70 -4.22 20.32
N VAL A 139 3.46 -5.21 19.89
CA VAL A 139 4.88 -4.98 19.58
C VAL A 139 5.16 -4.89 18.07
N VAL A 140 4.11 -5.06 17.26
CA VAL A 140 4.31 -5.14 15.83
C VAL A 140 3.56 -4.03 15.09
N ASP A 141 4.25 -3.33 14.18
CA ASP A 141 3.63 -2.25 13.44
C ASP A 141 2.92 -2.65 12.15
N LEU A 142 3.48 -3.64 11.45
CA LEU A 142 2.93 -3.95 10.12
C LEU A 142 3.15 -5.40 9.82
N ILE A 143 2.10 -6.05 9.36
CA ILE A 143 2.15 -7.46 9.05
C ILE A 143 1.67 -7.60 7.62
N VAL A 144 2.47 -8.31 6.82
CA VAL A 144 2.07 -8.71 5.48
C VAL A 144 1.77 -10.18 5.45
N VAL A 145 0.60 -10.52 4.94
CA VAL A 145 0.18 -11.91 4.81
C VAL A 145 0.15 -12.31 3.34
N ASP A 146 1.07 -13.18 2.94
CA ASP A 146 1.21 -13.54 1.53
C ASP A 146 1.19 -15.07 1.40
N SER A 147 0.05 -15.63 1.03
CA SER A 147 -1.05 -14.87 0.51
C SER A 147 -2.34 -15.56 0.86
N VAL A 148 -3.44 -14.93 0.46
CA VAL A 148 -4.78 -15.46 0.74
C VAL A 148 -4.97 -16.86 0.13
N ALA A 149 -4.86 -16.96 -1.19
CA ALA A 149 -4.98 -18.24 -1.90
C ALA A 149 -4.20 -19.38 -1.24
N ALA A 150 -2.96 -19.08 -0.87
CA ALA A 150 -2.07 -20.09 -0.34
C ALA A 150 -2.58 -20.57 1.02
N LEU A 151 -3.51 -19.84 1.60
CA LEU A 151 -3.95 -20.04 2.95
C LEU A 151 -4.87 -21.25 3.00
N VAL A 152 -4.27 -22.43 2.97
CA VAL A 152 -5.06 -23.66 2.88
C VAL A 152 -5.44 -24.29 4.23
N PRO A 153 -6.72 -24.69 4.36
CA PRO A 153 -7.16 -25.33 5.61
C PRO A 153 -6.36 -26.60 5.92
N ARG A 154 -6.15 -26.83 7.21
CA ARG A 154 -5.49 -28.05 7.66
C ARG A 154 -6.06 -29.29 6.97
N ALA A 155 -7.36 -29.52 7.17
CA ALA A 155 -8.02 -30.73 6.67
C ALA A 155 -7.78 -30.96 5.18
N GLU A 156 -7.89 -29.89 4.40
CA GLU A 156 -7.67 -29.98 2.96
C GLU A 156 -6.25 -30.44 2.66
N ILE A 157 -5.30 -29.92 3.43
CA ILE A 157 -3.89 -30.27 3.26
C ILE A 157 -3.67 -31.74 3.57
N GLU A 158 -4.23 -32.19 4.69
CA GLU A 158 -4.20 -33.59 5.08
C GLU A 158 -5.11 -34.44 4.19
N GLY A 159 -5.78 -33.79 3.25
CA GLY A 159 -6.52 -34.45 2.18
C GLY A 159 -7.84 -35.08 2.58
N ALA A 160 -8.36 -34.64 3.71
CA ALA A 160 -9.63 -35.09 4.24
C ALA A 160 -10.78 -34.24 3.76
N MET A 161 -11.27 -34.43 2.55
CA MET A 161 -12.41 -33.59 2.19
C MET A 161 -13.61 -34.31 1.53
N GLY A 162 -14.28 -35.16 2.29
CA GLY A 162 -13.86 -35.50 3.64
C GLY A 162 -14.97 -36.28 4.31
N ASP A 163 -15.17 -35.98 5.58
CA ASP A 163 -16.43 -36.31 6.24
C ASP A 163 -17.44 -35.30 5.71
N MET A 164 -18.68 -35.38 6.20
CA MET A 164 -19.79 -34.65 5.56
C MET A 164 -19.58 -33.16 5.24
N GLN A 165 -18.96 -32.41 6.14
CA GLN A 165 -18.84 -30.96 5.92
C GLN A 165 -17.55 -30.54 5.21
N VAL A 166 -17.70 -30.12 3.96
CA VAL A 166 -16.57 -29.68 3.14
C VAL A 166 -16.24 -28.20 3.36
N GLY A 167 -17.26 -27.41 3.69
CA GLY A 167 -17.09 -25.97 3.83
C GLY A 167 -17.10 -25.44 5.25
N LEU A 168 -16.61 -26.24 6.20
CA LEU A 168 -16.55 -25.81 7.59
C LEU A 168 -15.47 -24.74 7.76
N GLN A 169 -14.29 -25.00 7.20
CA GLN A 169 -13.18 -24.05 7.28
C GLN A 169 -13.57 -22.67 6.78
N ALA A 170 -14.27 -22.61 5.66
CA ALA A 170 -14.72 -21.32 5.14
C ALA A 170 -15.18 -20.48 6.32
N ARG A 171 -16.04 -21.07 7.14
CA ARG A 171 -16.52 -20.43 8.36
C ARG A 171 -15.43 -20.21 9.39
N LEU A 172 -14.57 -21.20 9.52
CA LEU A 172 -13.42 -21.10 10.43
C LEU A 172 -12.49 -19.95 10.05
N MET A 173 -12.20 -19.82 8.76
CA MET A 173 -11.35 -18.74 8.29
C MET A 173 -12.02 -17.39 8.51
N SER A 174 -13.25 -17.25 8.02
CA SER A 174 -14.01 -16.03 8.20
C SER A 174 -14.02 -15.64 9.66
N GLN A 175 -14.03 -16.67 10.51
CA GLN A 175 -14.04 -16.47 11.95
C GLN A 175 -12.68 -15.96 12.44
N ALA A 176 -11.61 -16.58 11.95
CA ALA A 176 -10.25 -16.13 12.32
C ALA A 176 -10.05 -14.68 11.88
N LEU A 177 -10.55 -14.37 10.69
CA LEU A 177 -10.46 -13.01 10.16
C LEU A 177 -11.22 -12.03 11.04
N ARG A 178 -12.41 -12.43 11.47
CA ARG A 178 -13.21 -11.59 12.35
C ARG A 178 -12.43 -11.31 13.64
N LYS A 179 -11.80 -12.35 14.19
CA LYS A 179 -10.94 -12.16 15.35
C LYS A 179 -9.89 -11.11 15.05
N ILE A 180 -9.19 -11.28 13.93
CA ILE A 180 -8.17 -10.31 13.54
C ILE A 180 -8.74 -8.90 13.42
N ALA A 181 -9.87 -8.77 12.75
CA ALA A 181 -10.52 -7.44 12.65
C ALA A 181 -10.77 -6.86 14.05
N GLY A 182 -11.33 -7.67 14.94
CA GLY A 182 -11.47 -7.25 16.32
C GLY A 182 -10.18 -6.70 16.90
N SER A 183 -9.08 -7.45 16.76
CA SER A 183 -7.83 -7.05 17.39
C SER A 183 -7.17 -5.83 16.73
N VAL A 184 -7.30 -5.68 15.42
CA VAL A 184 -6.54 -4.59 14.80
C VAL A 184 -7.10 -3.22 15.17
N ASN A 185 -8.40 -3.12 15.40
CA ASN A 185 -8.99 -1.84 15.78
C ASN A 185 -8.39 -1.27 17.07
N LYS A 186 -7.93 -2.13 17.96
CA LYS A 186 -7.36 -1.62 19.22
C LYS A 186 -5.85 -1.51 19.17
N SER A 187 -5.28 -1.68 17.98
CA SER A 187 -3.84 -1.76 17.88
C SER A 187 -3.30 -0.65 17.03
N LYS A 188 -1.98 -0.46 17.06
CA LYS A 188 -1.30 0.44 16.14
C LYS A 188 -0.90 -0.27 14.84
N ALA A 189 -1.28 -1.52 14.67
CA ALA A 189 -0.80 -2.31 13.54
C ALA A 189 -1.55 -2.07 12.24
N VAL A 190 -0.83 -2.14 11.11
CA VAL A 190 -1.44 -2.29 9.80
C VAL A 190 -1.32 -3.76 9.39
N VAL A 191 -2.42 -4.35 8.95
CA VAL A 191 -2.34 -5.73 8.48
C VAL A 191 -2.70 -5.75 7.01
N ILE A 192 -1.74 -6.18 6.20
CA ILE A 192 -1.92 -6.25 4.75
C ILE A 192 -2.01 -7.69 4.29
N PHE A 193 -3.05 -8.02 3.53
CA PHE A 193 -3.15 -9.33 2.89
C PHE A 193 -2.91 -9.13 1.40
N THR A 194 -2.00 -9.88 0.80
CA THR A 194 -1.87 -9.85 -0.66
C THR A 194 -2.71 -11.00 -1.20
N ASN A 195 -3.27 -10.86 -2.40
CA ASN A 195 -4.22 -11.83 -2.91
C ASN A 195 -4.09 -11.85 -4.41
N GLN A 196 -4.53 -12.95 -5.03
CA GLN A 196 -4.30 -13.16 -6.45
C GLN A 196 -5.55 -13.02 -7.27
N ILE A 197 -5.35 -12.83 -8.55
CA ILE A 197 -6.36 -12.90 -9.56
C ILE A 197 -5.90 -13.91 -10.58
N ARG A 198 -4.80 -14.59 -10.27
CA ARG A 198 -4.10 -15.50 -11.18
C ARG A 198 -4.03 -17.01 -10.80
N MET A 199 -4.18 -17.92 -11.75
CA MET A 199 -3.81 -19.31 -11.48
C MET A 199 -4.45 -20.02 -10.27
N LYS A 200 -5.76 -19.90 -10.12
CA LYS A 200 -6.44 -20.39 -8.91
C LYS A 200 -6.15 -21.86 -8.61
N ILE A 201 -6.11 -22.18 -7.32
CA ILE A 201 -5.82 -23.54 -6.85
C ILE A 201 -7.08 -24.17 -6.27
N GLY A 202 -7.12 -25.49 -6.20
CA GLY A 202 -6.20 -26.37 -6.85
C GLY A 202 -6.21 -26.56 -8.34
N VAL A 203 -7.39 -26.69 -8.92
CA VAL A 203 -7.47 -27.00 -10.34
C VAL A 203 -8.29 -26.09 -11.25
N MET A 204 -7.69 -25.72 -12.37
CA MET A 204 -8.34 -25.00 -13.46
C MET A 204 -9.02 -23.62 -13.23
N PHE A 205 -10.24 -23.54 -13.75
CA PHE A 205 -11.05 -22.32 -13.97
C PHE A 205 -11.60 -21.60 -12.76
N GLY A 206 -12.02 -20.35 -12.97
CA GLY A 206 -12.34 -19.46 -11.87
C GLY A 206 -13.70 -18.98 -11.35
N SER A 207 -13.74 -18.98 -10.02
CA SER A 207 -14.72 -18.32 -9.16
C SER A 207 -14.14 -16.91 -9.06
N PRO A 208 -14.70 -16.04 -8.22
CA PRO A 208 -14.18 -14.66 -8.13
C PRO A 208 -12.71 -14.63 -7.72
N GLU A 209 -11.97 -13.66 -8.26
CA GLU A 209 -10.54 -13.76 -8.24
C GLU A 209 -10.13 -13.90 -6.82
N THR A 210 -10.59 -12.98 -6.00
CA THR A 210 -10.31 -13.03 -4.59
C THR A 210 -11.08 -14.16 -3.92
N THR A 211 -10.41 -14.86 -3.02
CA THR A 211 -10.91 -16.06 -2.33
C THR A 211 -11.94 -15.93 -1.23
N THR A 212 -12.59 -17.04 -0.91
CA THR A 212 -13.82 -17.13 -0.13
C THR A 212 -13.56 -16.53 1.27
N GLY A 213 -12.38 -16.75 1.80
CA GLY A 213 -11.95 -16.02 2.97
C GLY A 213 -11.96 -14.56 2.54
N GLY A 214 -11.78 -14.34 1.25
CA GLY A 214 -11.74 -13.01 0.69
C GLY A 214 -13.02 -12.23 0.84
N LEU A 215 -14.18 -12.90 0.86
CA LEU A 215 -15.44 -12.15 1.05
C LEU A 215 -15.37 -11.39 2.37
N ALA A 216 -15.04 -12.09 3.44
CA ALA A 216 -14.87 -11.43 4.72
C ALA A 216 -13.81 -10.34 4.56
N LEU A 217 -12.78 -10.65 3.79
CA LEU A 217 -11.71 -9.69 3.57
C LEU A 217 -12.25 -8.46 2.84
N LYS A 218 -12.95 -8.71 1.75
CA LYS A 218 -13.58 -7.67 0.97
C LYS A 218 -14.30 -6.69 1.89
N PHE A 219 -14.99 -7.21 2.90
CA PHE A 219 -15.76 -6.34 3.79
C PHE A 219 -15.02 -5.91 5.04
N TYR A 220 -14.05 -6.70 5.49
CA TYR A 220 -13.29 -6.26 6.65
C TYR A 220 -12.27 -5.18 6.32
N ALA A 221 -11.76 -5.21 5.09
CA ALA A 221 -10.72 -4.25 4.71
C ALA A 221 -11.14 -2.79 4.67
N THR A 222 -10.27 -1.93 5.18
CA THR A 222 -10.46 -0.49 5.12
C THR A 222 -9.98 0.09 3.78
N MET A 223 -8.95 -0.51 3.20
CA MET A 223 -8.59 -0.18 1.82
C MET A 223 -8.35 -1.44 1.03
N ARG A 224 -8.72 -1.41 -0.24
CA ARG A 224 -8.39 -2.50 -1.15
C ARG A 224 -7.77 -1.86 -2.37
N MET A 225 -6.65 -2.42 -2.84
CA MET A 225 -5.88 -1.81 -3.91
C MET A 225 -5.63 -2.86 -4.98
N GLU A 226 -5.99 -2.52 -6.21
CA GLU A 226 -5.78 -3.43 -7.30
C GLU A 226 -4.57 -2.98 -8.09
N VAL A 227 -3.56 -3.85 -8.18
CA VAL A 227 -2.30 -3.51 -8.86
C VAL A 227 -2.24 -4.17 -10.22
N ARG A 228 -1.88 -3.40 -11.24
CA ARG A 228 -1.75 -3.89 -12.61
C ARG A 228 -0.43 -3.46 -13.24
N ARG A 229 0.25 -4.42 -13.88
CA ARG A 229 1.48 -4.11 -14.56
C ARG A 229 1.18 -3.31 -15.83
N GLY A 230 1.93 -2.22 -16.05
CA GLY A 230 1.75 -1.40 -17.22
C GLY A 230 2.92 -1.48 -18.20
N GLU A 231 3.12 -0.40 -18.96
CA GLU A 231 4.10 -0.37 -20.05
C GLU A 231 5.55 -0.46 -19.60
N PRO A 232 6.41 -1.07 -20.43
CA PRO A 232 7.84 -1.10 -20.09
C PRO A 232 8.42 0.31 -20.04
N ILE A 233 9.46 0.47 -19.23
CA ILE A 233 10.17 1.73 -19.17
C ILE A 233 11.54 1.45 -19.76
N LYS A 234 11.96 2.25 -20.73
CA LYS A 234 13.25 2.02 -21.34
C LYS A 234 14.20 3.20 -21.26
N GLU A 235 15.45 2.89 -20.95
CA GLU A 235 16.51 3.87 -20.89
C GLU A 235 17.36 3.61 -22.12
N GLY A 236 17.13 4.41 -23.17
CA GLY A 236 17.77 4.17 -24.45
C GLY A 236 17.12 2.99 -25.14
N LYS A 237 17.83 1.87 -25.19
CA LYS A 237 17.25 0.66 -25.76
C LYS A 237 17.25 -0.52 -24.79
N ASP A 238 17.52 -0.23 -23.52
CA ASP A 238 17.31 -1.22 -22.46
C ASP A 238 15.98 -0.95 -21.76
N VAL A 239 15.18 -1.99 -21.53
CA VAL A 239 14.02 -1.83 -20.64
C VAL A 239 14.50 -1.97 -19.21
N ILE A 240 14.23 -0.97 -18.39
CA ILE A 240 14.75 -0.95 -17.04
C ILE A 240 13.67 -1.13 -15.98
N GLY A 241 12.42 -1.23 -16.40
CA GLY A 241 11.34 -1.49 -15.46
C GLY A 241 10.02 -1.40 -16.16
N ASN A 242 8.97 -1.18 -15.40
CA ASN A 242 7.67 -0.93 -15.99
C ASN A 242 6.81 -0.03 -15.11
N VAL A 243 5.85 0.62 -15.73
CA VAL A 243 4.90 1.44 -15.03
C VAL A 243 3.92 0.47 -14.36
N ILE A 244 3.36 0.88 -13.24
CA ILE A 244 2.26 0.10 -12.65
C ILE A 244 1.12 1.05 -12.34
N SER A 245 -0.09 0.54 -12.24
CA SER A 245 -1.20 1.37 -11.77
C SER A 245 -1.72 0.69 -10.52
N VAL A 246 -2.19 1.50 -9.57
CA VAL A 246 -2.72 1.00 -8.31
C VAL A 246 -4.02 1.71 -8.09
N LYS A 247 -5.11 0.97 -8.29
CA LYS A 247 -6.46 1.53 -8.17
C LYS A 247 -6.99 1.24 -6.77
N ILE A 248 -7.34 2.27 -6.02
CA ILE A 248 -7.90 2.05 -4.69
C ILE A 248 -9.40 1.82 -4.87
N VAL A 249 -9.80 0.56 -4.97
CA VAL A 249 -11.20 0.23 -5.26
C VAL A 249 -12.11 0.34 -4.03
N LYS A 250 -11.51 0.28 -2.84
CA LYS A 250 -12.27 0.51 -1.59
C LYS A 250 -11.42 1.36 -0.65
N ASN A 251 -12.03 2.39 -0.09
CA ASN A 251 -11.35 3.26 0.85
C ASN A 251 -12.35 3.83 1.84
N LYS A 252 -12.22 3.43 3.11
CA LYS A 252 -13.10 3.93 4.17
C LYS A 252 -12.54 5.09 4.99
N VAL A 253 -11.37 5.62 4.63
CA VAL A 253 -10.87 6.78 5.37
C VAL A 253 -10.68 7.99 4.50
N ALA A 254 -10.89 7.82 3.20
CA ALA A 254 -10.86 8.93 2.25
C ALA A 254 -11.63 8.48 1.01
N PRO A 255 -11.96 9.40 0.09
CA PRO A 255 -12.72 8.94 -1.08
C PRO A 255 -12.00 7.86 -1.90
N PRO A 256 -12.72 6.80 -2.24
CA PRO A 256 -12.16 5.71 -3.05
C PRO A 256 -12.07 6.03 -4.55
N PHE A 257 -11.60 5.04 -5.30
CA PHE A 257 -11.55 5.07 -6.76
C PHE A 257 -10.51 6.00 -7.35
N LYS A 258 -9.52 6.38 -6.57
CA LYS A 258 -8.38 7.05 -7.15
C LYS A 258 -7.39 6.02 -7.67
N THR A 259 -6.71 6.32 -8.78
CA THR A 259 -5.70 5.43 -9.36
C THR A 259 -4.34 6.12 -9.38
N ALA A 260 -3.34 5.48 -8.78
CA ALA A 260 -2.00 6.02 -8.81
C ALA A 260 -1.23 5.35 -9.94
N GLN A 261 -0.41 6.13 -10.62
CA GLN A 261 0.52 5.57 -11.58
C GLN A 261 1.90 5.73 -10.95
N THR A 262 2.67 4.66 -10.91
CA THR A 262 4.01 4.70 -10.36
C THR A 262 4.94 3.78 -11.12
N TYR A 263 6.15 3.59 -10.66
CA TYR A 263 7.18 2.96 -11.49
C TYR A 263 8.02 1.98 -10.71
N ILE A 264 8.12 0.77 -11.22
CA ILE A 264 9.00 -0.21 -10.63
C ILE A 264 10.26 -0.30 -11.50
N ILE A 265 11.41 -0.04 -10.90
CA ILE A 265 12.69 -0.16 -11.58
C ILE A 265 13.28 -1.53 -11.23
N TYR A 266 13.60 -2.33 -12.24
CA TYR A 266 14.06 -3.69 -11.95
C TYR A 266 15.31 -3.65 -11.08
N GLY A 267 15.32 -4.47 -10.05
CA GLY A 267 16.43 -4.51 -9.12
C GLY A 267 16.32 -3.51 -7.99
N LYS A 268 15.43 -2.52 -8.10
CA LYS A 268 15.34 -1.47 -7.07
C LYS A 268 13.97 -1.32 -6.41
N GLY A 269 12.90 -1.66 -7.12
CA GLY A 269 11.55 -1.46 -6.61
C GLY A 269 11.03 -0.11 -7.06
N ILE A 270 10.18 0.51 -6.24
CA ILE A 270 9.66 1.82 -6.58
C ILE A 270 10.70 2.86 -6.16
N ASP A 271 11.66 3.08 -7.06
CA ASP A 271 12.76 3.98 -6.75
C ASP A 271 12.20 5.37 -6.38
N ARG A 272 12.46 5.79 -5.14
CA ARG A 272 11.84 7.01 -4.63
C ARG A 272 12.21 8.21 -5.48
N GLU A 273 13.47 8.33 -5.89
CA GLU A 273 13.89 9.50 -6.66
C GLU A 273 13.41 9.47 -8.10
N TYR A 274 13.34 8.29 -8.70
CA TYR A 274 12.81 8.20 -10.05
C TYR A 274 11.34 8.63 -10.05
N GLU A 275 10.59 8.14 -9.09
CA GLU A 275 9.17 8.51 -9.03
C GLU A 275 9.04 10.01 -8.75
N LEU A 276 9.86 10.50 -7.82
CA LEU A 276 9.79 11.91 -7.42
C LEU A 276 10.03 12.85 -8.61
N PHE A 277 11.05 12.55 -9.41
CA PHE A 277 11.35 13.33 -10.60
C PHE A 277 10.16 13.38 -11.55
N ASN A 278 9.63 12.21 -11.89
CA ASN A 278 8.48 12.11 -12.81
C ASN A 278 7.25 12.84 -12.29
N ILE A 279 6.96 12.68 -11.00
CA ILE A 279 5.84 13.39 -10.45
C ILE A 279 6.08 14.90 -10.46
N ALA A 280 7.25 15.31 -9.99
CA ALA A 280 7.60 16.73 -9.96
C ALA A 280 7.42 17.37 -11.33
N VAL A 281 7.84 16.64 -12.37
CA VAL A 281 7.78 17.11 -13.75
C VAL A 281 6.32 17.17 -14.23
N ASN A 282 5.55 16.15 -13.90
CA ASN A 282 4.12 16.14 -14.20
C ASN A 282 3.38 17.27 -13.48
N GLU A 283 3.78 17.57 -12.25
CA GLU A 283 3.13 18.61 -11.48
C GLU A 283 3.62 20.04 -11.84
N GLY A 284 4.54 20.14 -12.79
CA GLY A 284 5.10 21.44 -13.18
C GLY A 284 5.98 22.07 -12.10
N ILE A 285 6.42 21.26 -11.14
CA ILE A 285 7.26 21.75 -10.06
C ILE A 285 8.75 21.73 -10.46
N VAL A 286 9.13 20.74 -11.25
CA VAL A 286 10.44 20.73 -11.86
C VAL A 286 10.13 21.00 -13.31
N ASP A 287 10.85 21.92 -13.94
CA ASP A 287 10.59 22.13 -15.36
C ASP A 287 11.78 21.81 -16.24
N ARG A 288 11.48 21.72 -17.53
CA ARG A 288 12.39 21.25 -18.53
C ARG A 288 12.70 22.37 -19.51
N LYS A 289 13.97 22.68 -19.70
CA LYS A 289 14.37 23.65 -20.70
C LYS A 289 15.16 22.93 -21.77
N GLY A 290 14.50 22.58 -22.86
CA GLY A 290 15.11 21.68 -23.83
C GLY A 290 15.34 20.34 -23.15
N SER A 291 16.58 19.88 -23.15
CA SER A 291 16.93 18.59 -22.55
C SER A 291 17.34 18.70 -21.08
N TRP A 292 17.28 19.90 -20.52
CA TRP A 292 17.82 20.19 -19.19
C TRP A 292 16.71 20.41 -18.16
N TYR A 293 16.90 19.93 -16.95
CA TYR A 293 15.87 20.06 -15.92
C TYR A 293 16.27 21.01 -14.80
N TYR A 294 15.30 21.78 -14.34
CA TYR A 294 15.56 22.79 -13.34
C TYR A 294 14.52 22.79 -12.26
N TYR A 295 14.96 23.25 -11.09
CA TYR A 295 14.08 23.45 -9.97
C TYR A 295 14.43 24.79 -9.31
N THR A 296 13.42 25.52 -8.86
CA THR A 296 13.65 26.74 -8.07
C THR A 296 13.29 26.47 -6.62
N THR A 297 14.26 26.59 -5.71
CA THR A 297 13.95 26.35 -4.31
C THR A 297 13.02 27.45 -3.81
N LEU A 298 12.37 27.20 -2.69
CA LEU A 298 11.45 28.17 -2.13
C LEU A 298 12.22 29.45 -1.84
N LYS A 299 13.46 29.27 -1.42
CA LYS A 299 14.35 30.37 -1.09
C LYS A 299 14.86 31.07 -2.34
N GLY A 300 14.32 30.70 -3.51
CA GLY A 300 14.61 31.39 -4.75
C GLY A 300 15.78 30.94 -5.62
N GLU A 301 16.61 30.01 -5.14
CA GLU A 301 17.75 29.54 -5.93
C GLU A 301 17.27 28.67 -7.09
N GLU A 302 17.68 29.00 -8.31
CA GLU A 302 17.36 28.10 -9.42
C GLU A 302 18.46 27.08 -9.60
N VAL A 303 18.11 25.82 -9.46
CA VAL A 303 19.13 24.79 -9.49
C VAL A 303 18.97 23.86 -10.66
N SER A 304 20.11 23.59 -11.27
CA SER A 304 20.21 22.76 -12.46
C SER A 304 20.28 21.30 -12.01
N LEU A 305 19.25 20.53 -12.37
CA LEU A 305 19.18 19.11 -12.03
C LEU A 305 20.03 18.26 -12.96
N GLY A 306 20.32 18.78 -14.15
CA GLY A 306 21.11 18.05 -15.11
C GLY A 306 20.39 17.79 -16.43
N GLN A 307 21.14 17.25 -17.39
CA GLN A 307 20.60 16.94 -18.70
C GLN A 307 19.99 15.54 -18.74
N GLY A 308 18.70 15.46 -19.03
CA GLY A 308 18.05 14.17 -19.15
C GLY A 308 17.63 13.57 -17.83
N SER A 309 16.68 12.64 -17.90
CA SER A 309 16.11 12.01 -16.73
C SER A 309 17.11 11.29 -15.84
N SER A 310 17.99 10.47 -16.41
CA SER A 310 18.90 9.70 -15.57
C SER A 310 19.79 10.58 -14.71
N ASN A 311 20.29 11.68 -15.29
CA ASN A 311 21.11 12.61 -14.51
C ASN A 311 20.29 13.33 -13.47
N ALA A 312 19.09 13.76 -13.83
CA ALA A 312 18.26 14.49 -12.87
C ALA A 312 17.91 13.58 -11.71
N VAL A 313 17.60 12.30 -11.99
CA VAL A 313 17.23 11.36 -10.91
C VAL A 313 18.42 11.14 -9.95
N GLN A 314 19.60 10.95 -10.52
CA GLN A 314 20.83 10.84 -9.68
C GLN A 314 21.09 12.10 -8.87
N PHE A 315 20.86 13.27 -9.48
CA PHE A 315 21.01 14.53 -8.74
C PHE A 315 20.13 14.53 -7.49
N LEU A 316 18.91 14.05 -7.65
CA LEU A 316 17.98 14.00 -6.53
C LEU A 316 18.50 13.08 -5.42
N LYS A 317 19.10 11.95 -5.82
CA LYS A 317 19.75 11.05 -4.87
C LYS A 317 20.93 11.73 -4.16
N ASP A 318 21.73 12.50 -4.91
CA ASP A 318 22.93 13.17 -4.37
C ASP A 318 22.61 14.42 -3.56
N ASN A 319 21.38 14.90 -3.66
CA ASN A 319 20.97 16.12 -3.00
C ASN A 319 19.68 15.99 -2.19
N PRO A 320 19.77 15.24 -1.09
CA PRO A 320 18.56 14.86 -0.34
C PRO A 320 17.76 16.06 0.12
N GLU A 321 18.43 17.17 0.43
CA GLU A 321 17.74 18.32 0.99
C GLU A 321 16.79 18.96 -0.04
N ILE A 322 17.26 19.03 -1.28
CA ILE A 322 16.44 19.50 -2.38
C ILE A 322 15.30 18.53 -2.73
N ALA A 323 15.60 17.24 -2.77
CA ALA A 323 14.57 16.22 -3.00
C ALA A 323 13.48 16.34 -1.94
N GLY A 324 13.90 16.46 -0.68
CA GLY A 324 12.94 16.61 0.41
C GLY A 324 12.01 17.78 0.18
N GLU A 325 12.57 18.91 -0.25
CA GLU A 325 11.74 20.09 -0.47
C GLU A 325 10.73 19.86 -1.58
N ILE A 326 11.19 19.28 -2.69
CA ILE A 326 10.30 18.96 -3.81
C ILE A 326 9.19 18.01 -3.35
N GLU A 327 9.53 17.07 -2.47
CA GLU A 327 8.56 16.11 -2.03
C GLU A 327 7.55 16.77 -1.08
N ARG A 328 8.05 17.59 -0.14
CA ARG A 328 7.16 18.28 0.77
C ARG A 328 6.19 19.14 -0.02
N ARG A 329 6.69 19.85 -1.01
CA ARG A 329 5.81 20.68 -1.79
C ARG A 329 4.71 19.86 -2.43
N ILE A 330 5.05 18.70 -2.99
CA ILE A 330 4.03 17.83 -3.59
C ILE A 330 3.02 17.37 -2.55
N ARG A 331 3.50 16.88 -1.41
CA ARG A 331 2.60 16.41 -0.35
C ARG A 331 1.69 17.53 0.16
N GLU A 332 2.25 18.73 0.34
CA GLU A 332 1.44 19.89 0.77
C GLU A 332 0.33 20.15 -0.23
N LYS A 333 0.70 20.17 -1.49
CA LYS A 333 -0.25 20.46 -2.54
C LYS A 333 -1.48 19.55 -2.48
N TYR A 334 -1.29 18.33 -1.99
CA TYR A 334 -2.36 17.34 -1.96
C TYR A 334 -2.89 17.13 -0.55
N GLY A 335 -2.40 17.92 0.40
CA GLY A 335 -2.96 17.95 1.74
C GLY A 335 -2.43 16.90 2.69
N LEU A 336 -1.25 16.37 2.40
CA LEU A 336 -0.74 15.24 3.15
C LEU A 336 0.27 15.64 4.21
N LEU A 337 0.92 16.77 4.02
CA LEU A 337 2.07 17.08 4.82
C LEU A 337 1.72 17.06 6.28
N SER A 338 2.53 16.35 7.05
CA SER A 338 2.15 16.02 8.42
C SER A 338 2.00 17.29 9.20
N VAL A 339 2.88 18.24 8.97
CA VAL A 339 2.68 19.61 9.35
C VAL A 339 2.98 19.80 10.81
N GLU A 340 3.42 18.75 11.46
CA GLU A 340 3.98 18.90 12.77
C GLU A 340 5.45 18.96 12.53
N LYS A 341 5.83 18.92 11.26
CA LYS A 341 7.22 18.90 10.91
C LYS A 341 7.80 20.20 11.41
N GLU A 342 8.98 20.11 12.00
CA GLU A 342 9.71 21.23 12.59
C GLU A 342 10.89 21.44 11.67
N GLU A 343 11.33 22.69 11.51
CA GLU A 343 12.33 22.99 10.49
C GLU A 343 13.79 22.79 10.93
N GLN A 344 14.19 23.43 12.03
CA GLN A 344 15.61 23.54 12.36
C GLN A 344 16.30 22.26 12.83
N ARG A 345 17.57 22.11 12.44
CA ARG A 345 18.41 20.99 12.86
C ARG A 345 19.88 21.38 12.80
#